data_2IZS
#
_entry.id   2IZS
#
_cell.length_a   56.029
_cell.length_b   56.029
_cell.length_c   220.089
_cell.angle_alpha   90.00
_cell.angle_beta   90.00
_cell.angle_gamma   120.00
#
_symmetry.space_group_name_H-M   'P 31 2 1'
#
loop_
_entity.id
_entity.type
_entity.pdbx_description
1 polymer 'CASEIN KINASE I ISOFORM GAMMA-3'
2 non-polymer {[4-AMINO-2-(3-CHLOROANILINO)-1,3-THIAZOL-5-YL](4-FLUOROPHENYL)METHANONE
3 non-polymer 'MAGNESIUM ION'
4 non-polymer 'CHLORIDE ION'
5 non-polymer S-1,2-PROPANEDIOL
6 water water
#
_entity_poly.entity_id   1
_entity_poly.type   'polypeptide(L)'
_entity_poly.pdbx_seq_one_letter_code
;SMGVLMVGPNFRVGKKIGCGNFGELRLGKNLYTNEYVAIKLEPMKSRAPQLHLEYRFYKQLGSGDGIPQVYYFGPCGKYN
AMVLELLGPSLEDLFDLCDRTFSLKTVLMIAIQLISRMEYVHSKNLIYRDVKPENFLIGRPGNKTQQVIHIIDFALAKEY
IDPETKKHIPYREHKSLTGTARYMSINTHLGKEQSRRDDLEALGHMFMYFLRGSLPWQGLKADTLKERYQKIGDTKRATP
IEVLCENFPEMATYLRYVRRLDFFEKPDYDYLRKLFTDLFDRKGYMFDYEYDWIGKQLPTPVGAVQQDPALSSNREAHQH
RDKMQQSKNQ
;
_entity_poly.pdbx_strand_id   A
#
loop_
_chem_comp.id
_chem_comp.type
_chem_comp.name
_chem_comp.formula
BRQ non-polymer {[4-AMINO-2-(3-CHLOROANILINO)-1,3-THIAZOL-5-YL](4-FLUOROPHENYL)METHANONE 'C16 H12 Cl F N3 O S 1'
CL non-polymer 'CHLORIDE ION' 'Cl -1'
MG non-polymer 'MAGNESIUM ION' 'Mg 2'
PGO non-polymer S-1,2-PROPANEDIOL 'C3 H8 O2'
#
# COMPACT_ATOMS: atom_id res chain seq x y z
N VAL A 4 23.97 -9.34 -13.89
CA VAL A 4 24.37 -10.44 -14.82
C VAL A 4 23.13 -11.23 -15.30
N LEU A 5 23.33 -12.44 -15.81
CA LEU A 5 22.22 -13.25 -16.28
C LEU A 5 21.33 -13.85 -15.15
N MET A 6 21.84 -13.97 -13.93
CA MET A 6 21.17 -14.79 -12.90
C MET A 6 21.21 -14.15 -11.53
N VAL A 7 20.15 -14.42 -10.75
CA VAL A 7 20.03 -14.05 -9.35
C VAL A 7 19.84 -15.37 -8.61
N GLY A 8 20.64 -15.60 -7.58
CA GLY A 8 20.63 -16.85 -6.86
C GLY A 8 20.97 -18.05 -7.73
N PRO A 9 20.64 -19.25 -7.24
CA PRO A 9 20.96 -20.44 -8.02
C PRO A 9 20.22 -20.58 -9.35
N ASN A 10 19.04 -19.97 -9.43
CA ASN A 10 17.97 -20.48 -10.28
C ASN A 10 17.05 -19.48 -10.93
N PHE A 11 17.24 -18.19 -10.67
CA PHE A 11 16.40 -17.15 -11.29
C PHE A 11 17.09 -16.44 -12.45
N ARG A 12 16.58 -16.66 -13.66
CA ARG A 12 17.06 -15.93 -14.83
C ARG A 12 16.49 -14.50 -14.76
N VAL A 13 17.36 -13.52 -14.95
CA VAL A 13 17.00 -12.11 -14.95
C VAL A 13 16.56 -11.73 -16.36
N GLY A 14 15.34 -11.22 -16.50
CA GLY A 14 14.82 -10.84 -17.79
C GLY A 14 14.71 -9.35 -17.91
N LYS A 15 13.70 -8.93 -18.66
CA LYS A 15 13.56 -7.55 -19.08
C LYS A 15 13.07 -6.61 -17.97
N LYS A 16 13.46 -5.34 -18.06
CA LYS A 16 12.82 -4.29 -17.29
C LYS A 16 11.31 -4.30 -17.57
N ILE A 17 10.54 -4.35 -16.50
CA ILE A 17 9.08 -4.28 -16.56
C ILE A 17 8.55 -3.11 -15.71
N GLY A 18 7.26 -2.79 -15.89
CA GLY A 18 6.59 -1.69 -15.17
C GLY A 18 6.96 -0.28 -15.66
N CYS A 19 6.38 0.72 -14.99
CA CYS A 19 6.68 2.15 -15.23
C CYS A 19 7.35 2.78 -14.02
N GLY A 20 8.19 3.78 -14.28
CA GLY A 20 9.05 4.36 -13.24
C GLY A 20 10.30 3.51 -13.15
N ASN A 21 10.63 3.05 -11.93
CA ASN A 21 11.70 2.07 -11.71
C ASN A 21 13.09 2.57 -12.17
N PHE A 22 13.26 2.69 -13.49
CA PHE A 22 14.54 3.06 -14.10
C PHE A 22 15.49 1.87 -14.15
N GLY A 23 14.91 0.66 -14.25
CA GLY A 23 15.67 -0.60 -14.20
C GLY A 23 15.62 -1.32 -12.84
N GLU A 24 14.84 -0.78 -11.92
CA GLU A 24 14.75 -1.34 -10.58
C GLU A 24 13.91 -2.61 -10.57
N LEU A 25 13.02 -2.78 -11.56
CA LEU A 25 12.14 -3.97 -11.65
C LEU A 25 12.32 -4.75 -12.95
N ARG A 26 12.58 -6.03 -12.81
CA ARG A 26 12.73 -6.92 -13.95
C ARG A 26 11.82 -8.12 -13.83
N LEU A 27 11.38 -8.59 -14.99
CA LEU A 27 10.83 -9.93 -15.07
C LEU A 27 11.95 -10.93 -14.79
N GLY A 28 11.60 -11.95 -14.01
CA GLY A 28 12.52 -13.06 -13.77
C GLY A 28 11.81 -14.35 -14.03
N LYS A 29 12.61 -15.41 -14.15
CA LYS A 29 12.08 -16.75 -14.28
C LYS A 29 12.83 -17.66 -13.34
N ASN A 30 12.07 -18.37 -12.50
CA ASN A 30 12.61 -19.55 -11.84
C ASN A 30 12.76 -20.68 -12.87
N LEU A 31 13.99 -20.93 -13.27
CA LEU A 31 14.34 -21.98 -14.20
C LEU A 31 14.09 -23.38 -13.64
N TYR A 32 14.16 -23.50 -12.34
CA TYR A 32 14.00 -24.77 -11.65
C TYR A 32 12.51 -25.15 -11.61
N THR A 33 11.64 -24.16 -11.58
CA THR A 33 10.20 -24.37 -11.43
C THR A 33 9.39 -23.94 -12.64
N ASN A 34 10.04 -23.41 -13.68
CA ASN A 34 9.33 -22.82 -14.81
C ASN A 34 8.26 -21.80 -14.38
N GLU A 35 8.63 -20.86 -13.49
CA GLU A 35 7.69 -19.87 -13.01
C GLU A 35 8.29 -18.49 -13.18
N TYR A 36 7.48 -17.55 -13.65
CA TYR A 36 7.88 -16.16 -13.69
C TYR A 36 7.81 -15.54 -12.29
N VAL A 37 8.74 -14.63 -12.03
CA VAL A 37 8.90 -13.95 -10.75
C VAL A 37 9.15 -12.45 -10.99
N ALA A 38 9.04 -11.65 -9.93
CA ALA A 38 9.49 -10.25 -9.96
C ALA A 38 10.88 -10.20 -9.39
N ILE A 39 11.74 -9.41 -10.02
CA ILE A 39 13.10 -9.18 -9.49
C ILE A 39 13.27 -7.69 -9.27
N LYS A 40 13.31 -7.33 -7.99
CA LYS A 40 13.60 -5.98 -7.57
C LYS A 40 15.11 -5.87 -7.43
N LEU A 41 15.66 -4.83 -8.04
CA LEU A 41 17.09 -4.58 -8.05
C LEU A 41 17.38 -3.22 -7.41
N GLU A 42 18.44 -3.20 -6.61
CA GLU A 42 18.91 -2.01 -5.94
C GLU A 42 20.40 -1.98 -6.10
N PRO A 43 20.93 -0.91 -6.69
CA PRO A 43 22.38 -0.83 -6.83
C PRO A 43 23.04 -0.96 -5.47
N MET A 44 24.03 -1.84 -5.36
CA MET A 44 24.87 -1.93 -4.13
C MET A 44 25.42 -0.57 -3.69
N LYS A 45 25.77 0.28 -4.67
CA LYS A 45 26.22 1.66 -4.40
C LYS A 45 25.12 2.63 -3.88
N SER A 46 23.90 2.15 -3.61
CA SER A 46 22.82 3.05 -3.21
C SER A 46 23.17 3.85 -1.97
N ARG A 47 22.97 5.16 -2.04
CA ARG A 47 23.17 6.04 -0.90
C ARG A 47 22.03 5.89 0.13
N ALA A 48 20.89 5.33 -0.30
CA ALA A 48 19.76 5.08 0.61
C ALA A 48 19.21 3.66 0.40
N PRO A 49 19.94 2.64 0.93
CA PRO A 49 19.50 1.26 0.71
C PRO A 49 18.24 0.95 1.51
N GLN A 50 17.30 0.32 0.83
CA GLN A 50 16.01 -0.03 1.37
C GLN A 50 15.69 -1.51 1.19
N LEU A 51 16.31 -2.16 0.20
CA LEU A 51 15.89 -3.47 -0.26
C LEU A 51 16.11 -4.54 0.80
N HIS A 52 17.28 -4.53 1.46
CA HIS A 52 17.53 -5.48 2.54
C HIS A 52 16.60 -5.28 3.73
N LEU A 53 16.36 -4.03 4.15
CA LEU A 53 15.36 -3.79 5.20
C LEU A 53 13.94 -4.23 4.75
N GLU A 54 13.60 -4.04 3.49
CA GLU A 54 12.34 -4.52 2.99
C GLU A 54 12.22 -6.05 3.09
N TYR A 55 13.26 -6.74 2.63
CA TYR A 55 13.35 -8.18 2.76
C TYR A 55 13.14 -8.62 4.20
N ARG A 56 13.76 -7.93 5.15
CA ARG A 56 13.65 -8.27 6.55
C ARG A 56 12.23 -8.04 7.07
N PHE A 57 11.55 -7.00 6.56
CA PHE A 57 10.17 -6.80 6.90
C PHE A 57 9.30 -7.94 6.35
N TYR A 58 9.63 -8.45 5.16
CA TYR A 58 8.89 -9.55 4.57
C TYR A 58 9.03 -10.84 5.34
N LYS A 59 10.23 -11.09 5.87
CA LYS A 59 10.51 -12.24 6.72
C LYS A 59 9.71 -12.14 8.02
N GLN A 60 9.62 -10.93 8.57
CA GLN A 60 8.83 -10.71 9.77
C GLN A 60 7.33 -10.92 9.50
N LEU A 61 6.87 -10.46 8.35
CA LEU A 61 5.47 -10.65 7.92
C LEU A 61 5.11 -12.10 7.78
N GLY A 62 6.07 -12.88 7.27
CA GLY A 62 5.85 -14.27 6.99
C GLY A 62 4.84 -14.46 5.87
N SER A 63 4.38 -15.70 5.76
CA SER A 63 3.46 -16.09 4.72
C SER A 63 2.09 -15.61 5.14
N GLY A 64 1.45 -14.88 4.24
CA GLY A 64 0.19 -14.22 4.53
C GLY A 64 -0.65 -13.99 3.28
N ASP A 65 -1.96 -13.94 3.50
CA ASP A 65 -2.94 -13.59 2.49
C ASP A 65 -2.60 -12.22 1.92
N GLY A 66 -2.47 -12.13 0.60
CA GLY A 66 -2.25 -10.85 -0.06
C GLY A 66 -0.87 -10.28 0.19
N ILE A 67 0.05 -11.13 0.67
CA ILE A 67 1.43 -10.72 0.86
C ILE A 67 2.20 -11.54 -0.18
N PRO A 68 2.93 -10.86 -1.08
CA PRO A 68 3.66 -11.64 -2.07
C PRO A 68 4.70 -12.51 -1.43
N GLN A 69 4.86 -13.71 -1.98
CA GLN A 69 5.91 -14.62 -1.54
C GLN A 69 7.26 -14.03 -1.97
N VAL A 70 8.23 -14.13 -1.06
CA VAL A 70 9.59 -13.72 -1.37
C VAL A 70 10.43 -14.98 -1.43
N TYR A 71 11.17 -15.11 -2.51
CA TYR A 71 11.88 -16.31 -2.84
C TYR A 71 13.35 -16.20 -2.53
N TYR A 72 13.89 -15.00 -2.61
CA TYR A 72 15.31 -14.84 -2.54
C TYR A 72 15.68 -13.38 -2.30
N PHE A 73 16.72 -13.21 -1.53
CA PHE A 73 17.46 -11.98 -1.48
C PHE A 73 18.95 -12.25 -1.62
N GLY A 74 19.59 -11.54 -2.52
CA GLY A 74 21.02 -11.71 -2.68
C GLY A 74 21.61 -10.88 -3.78
N PRO A 75 22.92 -11.03 -3.98
CA PRO A 75 23.55 -10.14 -4.93
C PRO A 75 23.36 -10.60 -6.36
N CYS A 76 23.26 -9.63 -7.26
CA CYS A 76 23.15 -9.87 -8.66
C CYS A 76 24.00 -8.81 -9.34
N GLY A 77 25.22 -9.17 -9.71
CA GLY A 77 26.18 -8.20 -10.22
C GLY A 77 26.42 -7.10 -9.20
N LYS A 78 26.32 -5.85 -9.62
CA LYS A 78 26.49 -4.69 -8.74
C LYS A 78 25.18 -4.23 -8.09
N TYR A 79 24.21 -5.15 -8.02
CA TYR A 79 22.91 -4.94 -7.40
C TYR A 79 22.70 -5.97 -6.33
N ASN A 80 21.92 -5.57 -5.34
CA ASN A 80 21.18 -6.47 -4.49
C ASN A 80 19.81 -6.68 -5.14
N ALA A 81 19.34 -7.91 -5.06
CA ALA A 81 18.17 -8.34 -5.76
C ALA A 81 17.26 -8.99 -4.74
N MET A 82 15.98 -8.73 -4.90
CA MET A 82 14.98 -9.47 -4.20
C MET A 82 14.03 -10.04 -5.21
N VAL A 83 13.88 -11.35 -5.12
CA VAL A 83 13.07 -12.11 -6.04
C VAL A 83 11.82 -12.43 -5.26
N LEU A 84 10.69 -12.02 -5.83
CA LEU A 84 9.40 -12.14 -5.16
C LEU A 84 8.36 -12.56 -6.19
N GLU A 85 7.19 -12.94 -5.68
CA GLU A 85 6.09 -13.35 -6.50
C GLU A 85 5.68 -12.26 -7.49
N LEU A 86 5.53 -12.67 -8.75
CA LEU A 86 5.05 -11.82 -9.81
C LEU A 86 3.53 -11.66 -9.59
N LEU A 87 3.11 -10.42 -9.47
CA LEU A 87 1.74 -10.07 -9.23
C LEU A 87 1.24 -9.39 -10.48
N GLY A 88 -0.06 -9.08 -10.48
CA GLY A 88 -0.71 -8.38 -11.58
C GLY A 88 -0.58 -6.87 -11.45
N PRO A 89 -1.42 -6.13 -12.20
CA PRO A 89 -1.44 -4.68 -12.12
C PRO A 89 -1.83 -4.14 -10.74
N SER A 90 -1.34 -2.93 -10.50
CA SER A 90 -1.64 -2.17 -9.32
C SER A 90 -3.05 -1.58 -9.45
N LEU A 91 -3.62 -1.23 -8.31
CA LEU A 91 -4.87 -0.49 -8.24
C LEU A 91 -4.81 0.85 -8.96
N GLU A 92 -3.65 1.48 -8.99
CA GLU A 92 -3.48 2.67 -9.81
C GLU A 92 -3.59 2.40 -11.32
N ASP A 93 -2.92 1.33 -11.79
CA ASP A 93 -3.02 0.87 -13.20
C ASP A 93 -4.49 0.60 -13.54
N LEU A 94 -5.15 -0.07 -12.61
CA LEU A 94 -6.48 -0.54 -12.80
C LEU A 94 -7.47 0.61 -12.69
N PHE A 95 -7.21 1.55 -11.79
CA PHE A 95 -7.94 2.83 -11.71
C PHE A 95 -7.93 3.59 -13.04
N ASP A 96 -6.75 3.73 -13.67
CA ASP A 96 -6.63 4.34 -15.01
C ASP A 96 -7.40 3.59 -16.09
N LEU A 97 -7.27 2.27 -16.07
CA LEU A 97 -8.04 1.39 -16.93
C LEU A 97 -9.56 1.60 -16.79
N CYS A 98 -10.01 1.98 -15.61
CA CYS A 98 -11.43 2.20 -15.33
C CYS A 98 -11.79 3.68 -15.30
N ASP A 99 -11.01 4.48 -16.06
CA ASP A 99 -11.23 5.94 -16.24
C ASP A 99 -11.22 6.71 -14.93
N ARG A 100 -10.37 6.26 -14.01
CA ARG A 100 -10.16 6.89 -12.68
C ARG A 100 -11.43 7.19 -11.87
N THR A 101 -12.32 6.21 -11.85
CA THR A 101 -13.32 6.11 -10.80
C THR A 101 -13.53 4.62 -10.60
N PHE A 102 -13.64 4.20 -9.34
CA PHE A 102 -14.18 2.88 -9.04
C PHE A 102 -15.58 3.00 -8.44
N SER A 103 -16.45 2.08 -8.81
CA SER A 103 -17.71 1.89 -8.12
C SER A 103 -17.49 1.62 -6.64
N LEU A 104 -18.53 1.96 -5.89
CA LEU A 104 -18.57 1.68 -4.47
C LEU A 104 -18.39 0.19 -4.24
N LYS A 105 -19.06 -0.66 -5.00
CA LYS A 105 -18.89 -2.09 -4.80
C LYS A 105 -17.42 -2.48 -4.91
N THR A 106 -16.75 -2.01 -5.97
CA THR A 106 -15.33 -2.29 -6.16
C THR A 106 -14.50 -1.74 -5.00
N VAL A 107 -14.82 -0.54 -4.56
CA VAL A 107 -14.02 0.12 -3.53
C VAL A 107 -14.24 -0.62 -2.19
N LEU A 108 -15.48 -1.05 -1.91
CA LEU A 108 -15.76 -1.88 -0.75
C LEU A 108 -15.05 -3.24 -0.76
N MET A 109 -15.06 -3.95 -1.89
CA MET A 109 -14.36 -5.23 -1.98
C MET A 109 -12.84 -5.05 -1.72
N ILE A 110 -12.28 -3.97 -2.27
CA ILE A 110 -10.91 -3.57 -1.99
C ILE A 110 -10.71 -3.22 -0.51
N ALA A 111 -11.57 -2.36 0.02
CA ALA A 111 -11.47 -1.85 1.37
C ALA A 111 -11.56 -2.95 2.46
N ILE A 112 -12.50 -3.88 2.28
CA ILE A 112 -12.69 -5.01 3.14
C ILE A 112 -11.41 -5.82 3.22
N GLN A 113 -10.82 -6.12 2.07
CA GLN A 113 -9.55 -6.82 2.01
C GLN A 113 -8.41 -6.06 2.62
N LEU A 114 -8.32 -4.75 2.35
CA LEU A 114 -7.16 -3.99 2.78
C LEU A 114 -7.23 -3.62 4.27
N ILE A 115 -8.42 -3.51 4.89
CA ILE A 115 -8.49 -3.44 6.36
C ILE A 115 -7.84 -4.70 6.96
N SER A 116 -8.23 -5.83 6.42
CA SER A 116 -7.66 -7.10 6.81
C SER A 116 -6.19 -7.21 6.50
N ARG A 117 -5.80 -6.74 5.31
CA ARG A 117 -4.39 -6.68 4.91
C ARG A 117 -3.57 -5.87 5.94
N MET A 118 -4.06 -4.68 6.26
CA MET A 118 -3.44 -3.84 7.27
C MET A 118 -3.43 -4.45 8.69
N GLU A 119 -4.52 -5.10 9.10
CA GLU A 119 -4.56 -5.76 10.37
C GLU A 119 -3.50 -6.85 10.46
N TYR A 120 -3.31 -7.59 9.36
CA TYR A 120 -2.31 -8.64 9.29
C TYR A 120 -0.89 -8.05 9.51
N VAL A 121 -0.54 -6.99 8.76
CA VAL A 121 0.73 -6.28 8.89
C VAL A 121 0.94 -5.84 10.36
N HIS A 122 -0.08 -5.21 10.90
CA HIS A 122 -0.11 -4.77 12.29
C HIS A 122 0.01 -5.92 13.30
N SER A 123 -0.58 -7.06 13.01
CA SER A 123 -0.44 -8.27 13.81
C SER A 123 0.99 -8.81 13.85
N LYS A 124 1.81 -8.45 12.87
CA LYS A 124 3.21 -8.80 12.81
C LYS A 124 4.10 -7.68 13.34
N ASN A 125 3.48 -6.73 14.05
CA ASN A 125 4.17 -5.66 14.78
C ASN A 125 4.77 -4.60 13.85
N LEU A 126 4.23 -4.54 12.64
CA LEU A 126 4.66 -3.61 11.64
C LEU A 126 3.57 -2.60 11.40
N ILE A 127 3.99 -1.37 11.16
CA ILE A 127 3.16 -0.37 10.50
C ILE A 127 3.74 -0.22 9.08
N TYR A 128 2.88 0.16 8.14
CA TYR A 128 3.19 0.04 6.73
C TYR A 128 3.76 1.35 6.21
N ARG A 129 3.03 2.43 6.44
CA ARG A 129 3.44 3.82 6.17
C ARG A 129 3.65 4.23 4.71
N ASP A 130 3.14 3.44 3.77
CA ASP A 130 3.27 3.72 2.36
C ASP A 130 2.00 3.42 1.57
N VAL A 131 0.85 3.72 2.14
CA VAL A 131 -0.41 3.50 1.46
C VAL A 131 -0.50 4.37 0.22
N LYS A 132 -0.77 3.71 -0.90
CA LYS A 132 -1.02 4.35 -2.18
C LYS A 132 -1.44 3.24 -3.12
N PRO A 133 -2.23 3.58 -4.12
CA PRO A 133 -2.85 2.60 -5.04
C PRO A 133 -1.83 1.74 -5.80
N GLU A 134 -0.67 2.33 -6.08
CA GLU A 134 0.49 1.68 -6.70
C GLU A 134 1.09 0.52 -5.91
N ASN A 135 0.89 0.50 -4.59
CA ASN A 135 1.42 -0.58 -3.75
C ASN A 135 0.41 -1.68 -3.42
N PHE A 136 -0.74 -1.65 -4.07
CA PHE A 136 -1.75 -2.71 -3.97
C PHE A 136 -1.93 -3.33 -5.33
N LEU A 137 -1.57 -4.61 -5.46
CA LEU A 137 -1.65 -5.29 -6.73
C LEU A 137 -2.59 -6.46 -6.68
N ILE A 138 -3.31 -6.67 -7.78
CA ILE A 138 -3.98 -7.96 -7.96
C ILE A 138 -2.94 -9.02 -8.26
N GLY A 139 -3.32 -10.27 -8.12
CA GLY A 139 -2.45 -11.35 -8.53
C GLY A 139 -2.55 -11.54 -10.02
N ARG A 140 -1.95 -12.63 -10.47
CA ARG A 140 -2.03 -13.08 -11.84
C ARG A 140 -2.99 -14.26 -11.93
N PRO A 141 -3.74 -14.37 -13.05
CA PRO A 141 -4.67 -15.53 -13.21
C PRO A 141 -4.01 -16.88 -12.83
N GLY A 142 -2.79 -17.10 -13.35
CA GLY A 142 -2.04 -18.33 -13.12
C GLY A 142 -1.97 -18.81 -11.68
N ASN A 143 -1.85 -17.86 -10.74
CA ASN A 143 -1.70 -18.20 -9.32
C ASN A 143 -3.01 -18.38 -8.55
N LYS A 144 -4.17 -18.31 -9.23
CA LYS A 144 -5.47 -18.41 -8.59
C LYS A 144 -5.71 -17.31 -7.52
N THR A 145 -4.92 -16.25 -7.58
CA THR A 145 -5.02 -15.12 -6.64
C THR A 145 -5.21 -13.80 -7.37
N GLN A 146 -5.63 -13.87 -8.63
CA GLN A 146 -5.90 -12.65 -9.40
C GLN A 146 -6.96 -11.74 -8.77
N GLN A 147 -7.90 -12.34 -8.06
CA GLN A 147 -8.93 -11.62 -7.33
C GLN A 147 -8.42 -10.97 -6.02
N VAL A 148 -7.28 -11.40 -5.53
CA VAL A 148 -6.81 -10.98 -4.20
C VAL A 148 -6.06 -9.68 -4.36
N ILE A 149 -6.40 -8.70 -3.55
CA ILE A 149 -5.60 -7.47 -3.50
C ILE A 149 -4.43 -7.70 -2.55
N HIS A 150 -3.23 -7.63 -3.12
CA HIS A 150 -1.99 -7.81 -2.40
C HIS A 150 -1.41 -6.47 -2.05
N ILE A 151 -0.55 -6.49 -1.04
CA ILE A 151 0.18 -5.35 -0.59
C ILE A 151 1.67 -5.59 -0.88
N ILE A 152 2.29 -4.60 -1.48
CA ILE A 152 3.70 -4.68 -1.75
C ILE A 152 4.36 -3.45 -1.19
N ASP A 153 5.69 -3.42 -1.30
CA ASP A 153 6.51 -2.29 -0.99
C ASP A 153 6.53 -1.98 0.51
N PHE A 154 7.32 -2.76 1.23
CA PHE A 154 7.51 -2.56 2.66
C PHE A 154 8.80 -1.82 3.04
N ALA A 155 9.38 -1.05 2.11
CA ALA A 155 10.64 -0.32 2.38
C ALA A 155 10.45 0.75 3.45
N LEU A 156 9.25 1.33 3.50
CA LEU A 156 8.93 2.37 4.45
C LEU A 156 8.32 1.85 5.74
N ALA A 157 8.18 0.54 5.91
CA ALA A 157 7.57 0.00 7.12
C ALA A 157 8.41 0.24 8.38
N LYS A 158 7.77 0.02 9.53
CA LYS A 158 8.44 0.21 10.80
C LYS A 158 7.81 -0.71 11.82
N GLU A 159 8.67 -1.28 12.66
CA GLU A 159 8.23 -2.06 13.79
C GLU A 159 7.75 -1.06 14.84
N TYR A 160 6.48 -1.17 15.19
CA TYR A 160 5.84 -0.24 16.11
C TYR A 160 5.74 -0.85 17.51
N ILE A 161 5.99 -2.15 17.61
CA ILE A 161 6.24 -2.81 18.89
C ILE A 161 7.72 -3.14 19.01
N ASP A 162 8.39 -2.52 19.99
CA ASP A 162 9.81 -2.81 20.26
C ASP A 162 9.96 -4.29 20.65
N PRO A 163 10.82 -5.03 19.93
CA PRO A 163 10.85 -6.47 20.14
C PRO A 163 11.39 -6.92 21.52
N GLU A 164 12.30 -6.14 22.09
CA GLU A 164 12.81 -6.47 23.42
C GLU A 164 11.82 -6.00 24.49
N THR A 165 11.45 -4.72 24.46
CA THR A 165 10.57 -4.15 25.50
C THR A 165 9.12 -4.62 25.35
N LYS A 166 8.73 -5.06 24.16
CA LYS A 166 7.33 -5.45 23.85
C LYS A 166 6.34 -4.28 24.02
N LYS A 167 6.88 -3.07 24.09
CA LYS A 167 6.09 -1.86 24.20
C LYS A 167 5.92 -1.23 22.82
N HIS A 168 4.74 -0.68 22.61
CA HIS A 168 4.48 0.20 21.49
C HIS A 168 5.59 1.28 21.42
N ILE A 169 6.04 1.62 20.22
CA ILE A 169 6.97 2.72 20.07
C ILE A 169 6.46 3.98 20.76
N PRO A 170 7.40 4.80 21.26
CA PRO A 170 6.96 6.05 21.86
C PRO A 170 6.37 7.04 20.87
N TYR A 171 5.46 7.86 21.37
CA TYR A 171 5.01 9.00 20.62
C TYR A 171 6.19 9.95 20.50
N ARG A 172 6.30 10.55 19.32
CA ARG A 172 7.17 11.67 19.11
C ARG A 172 6.76 12.38 17.82
N GLU A 173 7.43 13.50 17.59
CA GLU A 173 7.17 14.40 16.48
C GLU A 173 8.46 14.68 15.72
N HIS A 174 8.41 15.74 14.90
CA HIS A 174 9.52 16.21 14.06
C HIS A 174 10.10 15.04 13.28
N LYS A 175 9.20 14.19 12.81
CA LYS A 175 9.53 13.15 11.85
C LYS A 175 9.50 13.75 10.45
N SER A 176 10.61 13.64 9.71
N SER A 176 10.53 13.42 9.67
CA SER A 176 10.73 14.36 8.42
CA SER A 176 10.49 13.52 8.21
C SER A 176 9.77 13.71 7.42
C SER A 176 9.30 12.70 7.71
N LEU A 177 9.13 14.52 6.59
N LEU A 177 8.46 13.33 6.90
CA LEU A 177 8.14 13.98 5.66
CA LEU A 177 7.19 12.71 6.53
C LEU A 177 8.83 13.48 4.40
C LEU A 177 7.44 11.41 5.82
N THR A 178 8.42 12.28 3.98
N THR A 178 6.55 10.46 6.03
CA THR A 178 8.98 11.59 2.83
CA THR A 178 6.69 9.19 5.38
C THR A 178 7.87 10.90 2.02
C THR A 178 5.48 8.95 4.49
N GLY A 179 6.98 10.19 2.71
N GLY A 179 5.74 8.44 3.29
CA GLY A 179 5.96 9.38 2.06
CA GLY A 179 4.67 8.11 2.37
C GLY A 179 5.19 10.07 0.93
C GLY A 179 4.39 9.24 1.42
N THR A 180 4.07 9.44 0.55
N THR A 180 3.42 9.02 0.55
CA THR A 180 3.16 10.01 -0.46
CA THR A 180 3.08 9.96 -0.51
C THR A 180 2.24 11.00 0.22
C THR A 180 2.08 10.97 0.06
N ALA A 181 2.31 12.26 -0.22
CA ALA A 181 1.49 13.32 0.37
C ALA A 181 0.00 13.08 0.21
N ARG A 182 -0.43 12.54 -0.95
CA ARG A 182 -1.84 12.48 -1.30
C ARG A 182 -2.68 11.68 -0.29
N TYR A 183 -2.12 10.61 0.25
CA TYR A 183 -2.93 9.71 1.09
C TYR A 183 -2.59 9.81 2.55
N MET A 184 -1.44 10.38 2.87
CA MET A 184 -0.98 10.36 4.25
C MET A 184 -1.97 11.02 5.21
N SER A 185 -1.96 10.51 6.42
CA SER A 185 -2.81 11.01 7.47
C SER A 185 -2.45 12.47 7.83
N ILE A 186 -3.45 13.17 8.34
CA ILE A 186 -3.27 14.52 8.86
C ILE A 186 -2.11 14.51 9.89
N ASN A 187 -2.12 13.53 10.79
CA ASN A 187 -1.02 13.45 11.76
C ASN A 187 0.40 13.24 11.18
N THR A 188 0.53 12.48 10.09
CA THR A 188 1.76 12.39 9.36
C THR A 188 2.21 13.77 8.93
N HIS A 189 1.30 14.56 8.32
CA HIS A 189 1.59 15.93 7.89
C HIS A 189 2.19 16.79 9.01
N LEU A 190 1.70 16.57 10.23
CA LEU A 190 2.14 17.29 11.42
C LEU A 190 3.47 16.78 11.98
N GLY A 191 4.10 15.85 11.28
CA GLY A 191 5.41 15.31 11.67
C GLY A 191 5.38 14.35 12.84
N LYS A 192 4.18 13.86 13.18
CA LYS A 192 4.02 12.89 14.26
C LYS A 192 4.50 11.51 13.80
N GLU A 193 5.08 10.76 14.75
CA GLU A 193 5.34 9.35 14.58
C GLU A 193 4.05 8.67 14.06
N GLN A 194 4.16 7.93 12.97
CA GLN A 194 3.05 7.16 12.49
C GLN A 194 2.84 5.91 13.32
N SER A 195 1.56 5.54 13.45
CA SER A 195 1.15 4.36 14.15
C SER A 195 0.06 3.66 13.32
N ARG A 196 -0.60 2.68 13.91
CA ARG A 196 -1.57 1.85 13.19
C ARG A 196 -2.68 2.70 12.61
N ARG A 197 -3.11 3.71 13.36
CA ARG A 197 -4.20 4.59 12.93
C ARG A 197 -3.88 5.25 11.55
N ASP A 198 -2.62 5.59 11.34
CA ASP A 198 -2.20 6.31 10.18
C ASP A 198 -2.29 5.48 8.89
N ASP A 199 -2.00 4.19 8.98
CA ASP A 199 -2.15 3.28 7.85
C ASP A 199 -3.61 3.19 7.44
N LEU A 200 -4.48 3.13 8.45
CA LEU A 200 -5.94 3.07 8.23
C LEU A 200 -6.53 4.38 7.71
N GLU A 201 -6.09 5.51 8.25
CA GLU A 201 -6.48 6.79 7.69
C GLU A 201 -6.03 6.97 6.23
N ALA A 202 -4.77 6.63 5.94
CA ALA A 202 -4.28 6.68 4.55
C ALA A 202 -5.14 5.82 3.63
N LEU A 203 -5.55 4.64 4.11
CA LEU A 203 -6.52 3.78 3.41
C LEU A 203 -7.83 4.51 3.10
N GLY A 204 -8.40 5.12 4.12
CA GLY A 204 -9.57 5.96 3.98
C GLY A 204 -9.45 6.97 2.85
N HIS A 205 -8.35 7.73 2.85
CA HIS A 205 -8.07 8.72 1.81
C HIS A 205 -8.05 8.09 0.44
N MET A 206 -7.41 6.93 0.34
CA MET A 206 -7.28 6.23 -0.93
C MET A 206 -8.63 5.74 -1.39
N PHE A 207 -9.44 5.25 -0.45
CA PHE A 207 -10.81 4.81 -0.75
C PHE A 207 -11.62 5.97 -1.36
N MET A 208 -11.51 7.15 -0.74
CA MET A 208 -12.18 8.35 -1.19
C MET A 208 -11.69 8.81 -2.53
N TYR A 209 -10.37 8.74 -2.74
CA TYR A 209 -9.77 8.96 -4.03
C TYR A 209 -10.37 8.10 -5.15
N PHE A 210 -10.53 6.80 -4.87
CA PHE A 210 -11.13 5.86 -5.80
C PHE A 210 -12.60 6.22 -6.08
N LEU A 211 -13.35 6.57 -5.03
CA LEU A 211 -14.78 6.86 -5.15
C LEU A 211 -15.07 8.18 -5.86
N ARG A 212 -14.26 9.20 -5.57
CA ARG A 212 -14.44 10.54 -6.12
C ARG A 212 -13.78 10.68 -7.48
N GLY A 213 -12.73 9.89 -7.68
CA GLY A 213 -11.85 10.03 -8.81
C GLY A 213 -10.66 10.93 -8.57
N SER A 214 -10.66 11.63 -7.43
CA SER A 214 -9.60 12.55 -7.04
C SER A 214 -9.80 12.96 -5.57
N LEU A 215 -8.78 13.55 -4.96
CA LEU A 215 -8.90 14.16 -3.66
C LEU A 215 -8.71 15.66 -3.83
N PRO A 216 -9.34 16.47 -2.95
CA PRO A 216 -9.35 17.93 -3.17
C PRO A 216 -8.03 18.66 -2.94
N TRP A 217 -7.03 17.94 -2.44
CA TRP A 217 -5.70 18.49 -2.19
C TRP A 217 -4.66 17.97 -3.21
N GLN A 218 -5.18 17.30 -4.22
CA GLN A 218 -4.38 16.56 -5.17
C GLN A 218 -3.56 17.48 -6.09
N GLY A 219 -4.16 18.61 -6.50
CA GLY A 219 -3.48 19.57 -7.39
C GLY A 219 -2.48 20.56 -6.77
N LEU A 220 -2.24 20.46 -5.46
CA LEU A 220 -1.45 21.46 -4.76
C LEU A 220 0.06 21.31 -5.06
N LYS A 221 0.67 22.45 -5.34
CA LYS A 221 2.06 22.55 -5.72
C LYS A 221 2.71 23.57 -4.79
N ALA A 222 4.03 23.44 -4.62
CA ALA A 222 4.77 24.44 -3.88
C ALA A 222 6.25 24.42 -4.31
N ASP A 223 6.96 25.50 -4.00
CA ASP A 223 8.39 25.62 -4.36
C ASP A 223 9.28 24.62 -3.62
N THR A 224 8.84 24.15 -2.46
CA THR A 224 9.55 23.11 -1.72
C THR A 224 8.61 21.94 -1.42
N LEU A 225 9.18 20.76 -1.25
CA LEU A 225 8.39 19.60 -0.80
C LEU A 225 7.68 19.91 0.52
N LYS A 226 8.43 20.46 1.47
CA LYS A 226 7.88 20.76 2.79
C LYS A 226 6.65 21.67 2.67
N GLU A 227 6.71 22.68 1.80
CA GLU A 227 5.57 23.60 1.64
C GLU A 227 4.39 22.88 0.99
N ARG A 228 4.68 22.01 0.02
CA ARG A 228 3.66 21.25 -0.63
C ARG A 228 2.96 20.29 0.35
N TYR A 229 3.74 19.57 1.16
CA TYR A 229 3.21 18.75 2.27
C TYR A 229 2.37 19.62 3.20
N GLN A 230 2.89 20.80 3.55
CA GLN A 230 2.16 21.73 4.43
C GLN A 230 0.80 22.09 3.83
N LYS A 231 0.79 22.52 2.57
CA LYS A 231 -0.48 22.95 1.92
C LYS A 231 -1.48 21.81 1.84
N ILE A 232 -0.98 20.65 1.46
CA ILE A 232 -1.82 19.45 1.39
C ILE A 232 -2.42 19.08 2.76
N GLY A 233 -1.62 19.15 3.81
CA GLY A 233 -2.09 18.84 5.13
C GLY A 233 -3.10 19.87 5.59
N ASP A 234 -2.82 21.14 5.31
CA ASP A 234 -3.73 22.26 5.54
C ASP A 234 -5.09 22.05 4.89
N THR A 235 -5.09 21.62 3.62
CA THR A 235 -6.31 21.31 2.89
C THR A 235 -7.06 20.11 3.46
N LYS A 236 -6.32 19.07 3.84
CA LYS A 236 -6.91 17.92 4.51
C LYS A 236 -7.58 18.36 5.82
N ARG A 237 -6.88 19.16 6.61
CA ARG A 237 -7.48 19.71 7.83
C ARG A 237 -8.69 20.62 7.52
N ALA A 238 -8.62 21.43 6.45
CA ALA A 238 -9.70 22.38 6.08
C ALA A 238 -10.91 21.75 5.37
N THR A 239 -10.80 20.47 5.00
CA THR A 239 -11.88 19.80 4.26
C THR A 239 -12.69 18.95 5.24
N PRO A 240 -13.92 19.37 5.56
CA PRO A 240 -14.67 18.53 6.50
C PRO A 240 -14.87 17.11 5.95
N ILE A 241 -14.78 16.11 6.84
CA ILE A 241 -15.03 14.72 6.46
C ILE A 241 -16.38 14.61 5.75
N GLU A 242 -17.37 15.34 6.25
CA GLU A 242 -18.72 15.35 5.71
C GLU A 242 -18.76 15.78 4.27
N VAL A 243 -17.86 16.68 3.91
CA VAL A 243 -17.77 17.20 2.57
C VAL A 243 -16.98 16.24 1.67
N LEU A 244 -15.77 15.86 2.11
CA LEU A 244 -14.92 14.88 1.41
C LEU A 244 -15.69 13.57 1.13
N CYS A 245 -16.45 13.12 2.12
CA CYS A 245 -17.19 11.85 2.04
C CYS A 245 -18.67 12.02 1.79
N GLU A 246 -19.02 13.12 1.12
CA GLU A 246 -20.38 13.37 0.70
C GLU A 246 -20.82 12.19 -0.14
N ASN A 247 -22.01 11.68 0.16
CA ASN A 247 -22.63 10.53 -0.50
C ASN A 247 -22.11 9.19 -0.02
N PHE A 248 -21.13 9.20 0.87
CA PHE A 248 -20.56 7.97 1.39
C PHE A 248 -20.43 8.07 2.89
N PRO A 249 -21.57 7.96 3.60
CA PRO A 249 -21.63 8.09 5.06
C PRO A 249 -20.72 7.11 5.80
N GLU A 250 -20.63 5.88 5.32
CA GLU A 250 -19.77 4.90 6.00
C GLU A 250 -18.30 5.26 5.89
N MET A 251 -17.92 5.84 4.75
CA MET A 251 -16.59 6.39 4.56
C MET A 251 -16.33 7.52 5.52
N ALA A 252 -17.27 8.47 5.64
CA ALA A 252 -17.19 9.51 6.67
C ALA A 252 -17.01 8.87 8.06
N THR A 253 -17.84 7.88 8.40
CA THR A 253 -17.73 7.20 9.69
C THR A 253 -16.34 6.53 9.87
N TYR A 254 -15.90 5.81 8.85
CA TYR A 254 -14.57 5.19 8.87
C TYR A 254 -13.48 6.26 9.09
N LEU A 255 -13.54 7.34 8.33
CA LEU A 255 -12.51 8.37 8.35
C LEU A 255 -12.52 9.10 9.69
N ARG A 256 -13.68 9.50 10.23
CA ARG A 256 -13.57 10.15 11.54
C ARG A 256 -13.19 9.19 12.65
N TYR A 257 -13.55 7.91 12.55
CA TYR A 257 -13.10 6.95 13.56
C TYR A 257 -11.57 6.83 13.57
N VAL A 258 -10.95 6.66 12.38
CA VAL A 258 -9.51 6.42 12.30
C VAL A 258 -8.76 7.73 12.62
N ARG A 259 -9.32 8.88 12.23
CA ARG A 259 -8.77 10.19 12.57
C ARG A 259 -8.73 10.41 14.09
N ARG A 260 -9.71 9.87 14.79
CA ARG A 260 -9.87 10.05 16.24
C ARG A 260 -9.13 9.02 17.09
N LEU A 261 -8.57 8.01 16.44
CA LEU A 261 -7.72 7.03 17.13
C LEU A 261 -6.56 7.72 17.82
N ASP A 262 -6.32 7.27 19.03
CA ASP A 262 -5.16 7.63 19.80
C ASP A 262 -3.89 7.03 19.13
N PHE A 263 -2.74 7.66 19.34
CA PHE A 263 -1.47 7.14 18.82
C PHE A 263 -1.16 5.67 19.15
N PHE A 264 -1.43 5.24 20.38
CA PHE A 264 -1.08 3.91 20.84
C PHE A 264 -2.22 2.87 20.58
N GLU A 265 -3.38 3.36 20.18
CA GLU A 265 -4.61 2.55 20.20
C GLU A 265 -4.65 1.45 19.11
N LYS A 266 -5.05 0.25 19.51
CA LYS A 266 -5.43 -0.80 18.57
C LYS A 266 -6.71 -0.45 17.82
N PRO A 267 -6.64 -0.33 16.49
CA PRO A 267 -7.90 -0.06 15.79
C PRO A 267 -8.85 -1.22 15.97
N ASP A 268 -10.12 -0.92 15.94
CA ASP A 268 -11.12 -1.98 15.90
C ASP A 268 -11.38 -2.28 14.43
N TYR A 269 -10.51 -3.13 13.90
CA TYR A 269 -10.59 -3.60 12.54
C TYR A 269 -11.92 -4.30 12.25
N ASP A 270 -12.44 -4.99 13.27
CA ASP A 270 -13.72 -5.70 13.13
C ASP A 270 -14.85 -4.70 12.83
N TYR A 271 -14.92 -3.67 13.68
CA TYR A 271 -15.79 -2.54 13.50
C TYR A 271 -15.68 -1.90 12.09
N LEU A 272 -14.47 -1.66 11.62
CA LEU A 272 -14.30 -0.98 10.34
C LEU A 272 -14.77 -1.87 9.20
N ARG A 273 -14.42 -3.15 9.27
CA ARG A 273 -14.84 -4.11 8.27
C ARG A 273 -16.35 -4.18 8.21
N LYS A 274 -16.97 -4.18 9.39
CA LYS A 274 -18.40 -4.33 9.52
C LYS A 274 -19.14 -3.09 9.00
N LEU A 275 -18.60 -1.88 9.20
CA LEU A 275 -19.15 -0.70 8.52
C LEU A 275 -19.32 -0.97 7.04
N PHE A 276 -18.25 -1.52 6.44
CA PHE A 276 -18.18 -1.76 4.98
C PHE A 276 -18.96 -3.00 4.51
N THR A 277 -18.87 -4.10 5.23
CA THR A 277 -19.68 -5.26 4.91
C THR A 277 -21.18 -5.01 5.18
N ASP A 278 -21.53 -4.26 6.23
CA ASP A 278 -22.95 -3.90 6.41
C ASP A 278 -23.45 -3.07 5.23
N LEU A 279 -22.71 -2.04 4.84
CA LEU A 279 -23.04 -1.21 3.70
C LEU A 279 -23.18 -2.06 2.44
N PHE A 280 -22.17 -2.88 2.21
CA PHE A 280 -22.10 -3.76 1.06
C PHE A 280 -23.37 -4.62 0.91
N ASP A 281 -23.76 -5.24 2.02
CA ASP A 281 -24.96 -6.09 2.08
C ASP A 281 -26.19 -5.25 1.88
N ARG A 282 -26.20 -4.06 2.46
CA ARG A 282 -27.33 -3.17 2.37
C ARG A 282 -27.61 -2.72 0.92
N LYS A 283 -26.55 -2.57 0.12
CA LYS A 283 -26.64 -2.17 -1.29
C LYS A 283 -26.93 -3.34 -2.22
N GLY A 284 -26.99 -4.54 -1.65
CA GLY A 284 -27.30 -5.76 -2.38
C GLY A 284 -26.15 -6.23 -3.22
N TYR A 285 -24.96 -5.73 -2.92
CA TYR A 285 -23.74 -6.17 -3.60
C TYR A 285 -23.46 -7.61 -3.19
N MET A 286 -22.90 -8.38 -4.12
CA MET A 286 -22.40 -9.70 -3.80
C MET A 286 -20.87 -9.66 -3.90
N PHE A 287 -20.22 -10.23 -2.89
CA PHE A 287 -18.77 -10.26 -2.88
C PHE A 287 -18.32 -11.36 -3.79
N ASP A 288 -18.21 -11.02 -5.08
CA ASP A 288 -17.99 -12.01 -6.12
C ASP A 288 -16.71 -11.70 -6.86
N TYR A 289 -15.93 -10.74 -6.34
CA TYR A 289 -14.71 -10.26 -6.98
C TYR A 289 -14.88 -9.76 -8.40
N GLU A 290 -16.09 -9.32 -8.72
CA GLU A 290 -16.37 -8.76 -10.03
C GLU A 290 -16.06 -7.27 -9.97
N TYR A 291 -14.76 -6.95 -9.97
CA TYR A 291 -14.34 -5.60 -9.86
C TYR A 291 -14.66 -4.91 -11.16
N ASP A 292 -14.68 -3.58 -11.09
CA ASP A 292 -14.85 -2.74 -12.27
C ASP A 292 -13.92 -3.11 -13.42
N TRP A 293 -12.72 -3.58 -13.12
CA TRP A 293 -11.77 -3.88 -14.20
C TRP A 293 -12.01 -5.23 -14.88
N ILE A 294 -12.86 -6.07 -14.29
CA ILE A 294 -13.10 -7.38 -14.86
C ILE A 294 -13.72 -7.21 -16.26
N GLY A 295 -13.26 -8.02 -17.20
CA GLY A 295 -13.70 -7.89 -18.60
C GLY A 295 -12.91 -6.87 -19.43
N LYS A 296 -12.06 -6.09 -18.77
CA LYS A 296 -11.19 -5.13 -19.46
C LYS A 296 -9.83 -5.76 -19.76
N GLN A 297 -9.04 -5.07 -20.56
CA GLN A 297 -7.74 -5.61 -20.99
C GLN A 297 -6.70 -5.13 -19.99
N LEU A 298 -6.32 -6.03 -19.09
CA LEU A 298 -5.42 -5.67 -18.01
C LEU A 298 -3.98 -5.62 -18.53
N PRO A 299 -3.17 -4.69 -18.00
CA PRO A 299 -1.73 -4.78 -18.23
C PRO A 299 -1.14 -6.10 -17.71
N THR A 300 -0.08 -6.57 -18.37
CA THR A 300 0.77 -7.68 -17.92
C THR A 300 2.24 -7.19 -17.87
N PRO A 301 3.13 -7.95 -17.20
CA PRO A 301 2.96 -9.07 -16.27
C PRO A 301 1.81 -8.95 -15.26
CAL BRQ B . 2.62 -6.47 -13.12
CAS BRQ B . 2.44 -5.64 -14.21
CL BRQ B . 0.89 -5.58 -15.00
CAF BRQ B . 3.50 -4.87 -14.65
CAE BRQ B . 4.74 -4.91 -14.05
CAI BRQ B . 4.94 -5.75 -12.96
CAT BRQ B . 3.86 -6.51 -12.50
NAN BRQ B . 3.98 -7.31 -11.49
CAV BRQ B . 4.61 -7.03 -10.37
SAO BRQ B . 5.42 -5.52 -9.97
NAM BRQ B . 4.70 -7.95 -9.40
CAR BRQ B . 5.36 -7.49 -8.34
NAA BRQ B . 5.51 -8.26 -7.30
CAW BRQ B . 5.83 -6.15 -8.46
CAP BRQ B . 6.69 -5.41 -7.43
OAB BRQ B . 7.05 -5.96 -6.38
CAU BRQ B . 7.19 -4.02 -7.76
CAJ BRQ B . 6.28 -3.03 -8.19
CAG BRQ B . 6.75 -1.77 -8.50
CAQ BRQ B . 8.12 -1.49 -8.35
F BRQ B . 8.55 -0.25 -8.65
CAH BRQ B . 9.01 -2.47 -7.91
CAK BRQ B . 8.55 -3.74 -7.62
MG MG C . 0.90 -16.51 -1.27
MG MG D . 7.19 2.92 -3.27
CL CL E . -23.26 -7.11 -7.00
CL CL F . -8.89 -10.47 2.82
C1 PGO G . 2.90 -2.42 -10.81
C2 PGO G . 3.40 -2.00 -12.18
C3 PGO G . 4.85 -1.51 -12.14
O1 PGO G . 2.00 -3.53 -10.96
O2 PGO G . 2.53 -0.96 -12.64
#